data_6VCM
#
_entry.id   6VCM
#
_cell.length_a   162.357
_cell.length_b   192.948
_cell.length_c   51.100
_cell.angle_alpha   90.000
_cell.angle_beta   90.000
_cell.angle_gamma   90.000
#
_symmetry.space_group_name_H-M   'C 2 2 21'
#
loop_
_entity.id
_entity.type
_entity.pdbx_description
1 polymer 'Diaminopimelate epimerase'
2 polymer 'RNA pyrophosphohydrolase'
3 non-polymer 'CHLORIDE ION'
4 non-polymer 'MAGNESIUM ION'
5 non-polymer "GUANOSINE-5'-TRIPHOSPHATE"
6 non-polymer 'FLUORIDE ION'
7 water water
#
loop_
_entity_poly.entity_id
_entity_poly.type
_entity_poly.pdbx_seq_one_letter_code
_entity_poly.pdbx_strand_id
1 'polypeptide(L)'
;SMQFSKMHGLGNDFMVVDAVTQNVFFSPELIRRLADAHLGVGFDQLLVVEPPYDPELDFHYRIFNADGSEVAQCGNGARC
FARFVRLKGLTNKRDIRVSTANGRMVLTVTDDDLVRVNMGEPNFEPSAVPFRANKAEKTYIMRAAEQTILCGVVSMGNPH
CVIQVDDVDTAAVETLGPVLESHERFPERANIGFMQVVKREHIRLRVYERGAGETQACGSGACAAVAVGIQQGLLAEEVR
VELPGGRLDIAWKGPGHPLYMTGPAVHVADGFIHL
;
A
2 'polypeptide(L)'
;SMIDDDGYRPNVGIVICNRQGQVMWARRFGQHSWQFPQGGINPGESAEQAMYRELFEEVGLSRKDVRILASTRNWLRYKL
PKRLVRWDTKPVCIGQKQKWFLLQLVSGDAEINMQTSSTPEFDGWRWVSYWYPVRQVVSFKRDVYRRVMKEFASVVMSLA
A
;
B
#
# COMPACT_ATOMS: atom_id res chain seq x y z
N SER A 1 21.47 -2.24 10.51
CA SER A 1 21.12 -3.30 9.58
C SER A 1 19.69 -3.12 9.06
N MET A 2 19.56 -2.66 7.82
CA MET A 2 18.24 -2.52 7.21
C MET A 2 17.70 -3.89 6.82
N GLN A 3 16.50 -4.20 7.29
CA GLN A 3 15.88 -5.48 7.00
C GLN A 3 15.04 -5.40 5.73
N PHE A 4 14.94 -6.54 5.05
CA PHE A 4 14.20 -6.65 3.81
C PHE A 4 13.69 -8.07 3.67
N SER A 5 12.76 -8.26 2.75
CA SER A 5 12.29 -9.58 2.38
C SER A 5 12.35 -9.73 0.87
N LYS A 6 12.51 -10.96 0.42
CA LYS A 6 12.36 -11.28 -0.99
C LYS A 6 11.02 -11.99 -1.18
N MET A 7 10.29 -11.58 -2.20
CA MET A 7 8.97 -12.13 -2.46
C MET A 7 8.82 -12.35 -3.95
N HIS A 8 7.79 -13.11 -4.33
CA HIS A 8 7.57 -13.47 -5.72
C HIS A 8 6.09 -13.38 -6.05
N GLY A 9 5.78 -12.65 -7.12
CA GLY A 9 4.43 -12.55 -7.63
C GLY A 9 4.45 -12.17 -9.10
N LEU A 10 3.52 -12.74 -9.88
CA LEU A 10 3.46 -12.50 -11.33
C LEU A 10 4.77 -12.88 -12.01
N GLY A 11 5.33 -14.02 -11.61
CA GLY A 11 6.62 -14.44 -12.14
C GLY A 11 7.72 -13.42 -11.95
N ASN A 12 7.56 -12.51 -11.00
CA ASN A 12 8.51 -11.42 -10.77
C ASN A 12 9.07 -11.52 -9.36
N ASP A 13 10.37 -11.26 -9.23
CA ASP A 13 11.07 -11.32 -7.95
C ASP A 13 11.16 -9.91 -7.37
N PHE A 14 10.62 -9.72 -6.17
CA PHE A 14 10.60 -8.42 -5.51
C PHE A 14 11.51 -8.45 -4.28
N MET A 15 12.33 -7.42 -4.15
CA MET A 15 12.88 -7.04 -2.85
C MET A 15 11.89 -6.07 -2.20
N VAL A 16 11.45 -6.40 -0.98
CA VAL A 16 10.41 -5.66 -0.30
C VAL A 16 10.98 -5.12 1.01
N VAL A 17 10.81 -3.82 1.24
CA VAL A 17 11.42 -3.13 2.37
C VAL A 17 10.34 -2.39 3.15
N ASP A 18 10.30 -2.59 4.46
CA ASP A 18 9.46 -1.83 5.37
C ASP A 18 10.16 -0.49 5.64
N ALA A 19 9.72 0.55 4.95
CA ALA A 19 10.18 1.91 5.23
C ALA A 19 9.15 2.68 6.06
N VAL A 20 8.32 1.96 6.81
CA VAL A 20 7.39 2.57 7.74
C VAL A 20 8.01 2.67 9.13
N THR A 21 8.53 1.55 9.63
CA THR A 21 9.23 1.51 10.90
C THR A 21 10.74 1.63 10.75
N GLN A 22 11.25 1.75 9.53
CA GLN A 22 12.67 1.97 9.27
C GLN A 22 12.86 3.31 8.59
N ASN A 23 13.93 4.01 8.97
CA ASN A 23 14.27 5.31 8.38
C ASN A 23 15.27 5.06 7.25
N VAL A 24 14.79 5.04 6.01
CA VAL A 24 15.62 4.83 4.84
C VAL A 24 15.19 5.77 3.74
N PHE A 25 16.16 6.40 3.07
CA PHE A 25 15.91 7.18 1.87
C PHE A 25 16.48 6.43 0.67
N PHE A 26 15.64 6.20 -0.34
CA PHE A 26 16.03 5.44 -1.51
C PHE A 26 16.37 6.40 -2.64
N SER A 27 17.58 6.93 -2.58
CA SER A 27 18.15 7.65 -3.69
C SER A 27 18.41 6.69 -4.85
N PRO A 28 18.46 7.19 -6.08
CA PRO A 28 18.78 6.29 -7.20
C PRO A 28 20.13 5.60 -7.06
N GLU A 29 21.10 6.23 -6.42
CA GLU A 29 22.40 5.60 -6.21
C GLU A 29 22.28 4.40 -5.28
N LEU A 30 21.55 4.55 -4.17
CA LEU A 30 21.34 3.42 -3.27
C LEU A 30 20.58 2.29 -3.97
N ILE A 31 19.60 2.64 -4.80
CA ILE A 31 18.78 1.63 -5.45
C ILE A 31 19.63 0.77 -6.40
N ARG A 32 20.46 1.42 -7.22
CA ARG A 32 21.33 0.67 -8.12
C ARG A 32 22.34 -0.18 -7.35
N ARG A 33 22.85 0.35 -6.24
CA ARG A 33 23.76 -0.44 -5.40
C ARG A 33 23.04 -1.67 -4.83
N LEU A 34 21.78 -1.50 -4.44
CA LEU A 34 21.02 -2.65 -3.91
C LEU A 34 20.68 -3.64 -5.01
N ALA A 35 20.50 -3.17 -6.24
CA ALA A 35 20.17 -4.07 -7.35
C ALA A 35 21.36 -4.93 -7.75
N ASP A 36 22.57 -4.53 -7.41
CA ASP A 36 23.76 -5.31 -7.72
C ASP A 36 23.77 -6.58 -6.89
N ALA A 37 23.76 -7.74 -7.56
CA ALA A 37 23.64 -9.02 -6.86
C ALA A 37 24.86 -9.36 -6.03
N HIS A 38 26.00 -8.71 -6.27
CA HIS A 38 27.22 -8.97 -5.52
C HIS A 38 27.52 -7.89 -4.49
N LEU A 39 27.28 -6.61 -4.81
CA LEU A 39 27.45 -5.57 -3.80
C LEU A 39 26.23 -5.42 -2.91
N GLY A 40 25.04 -5.66 -3.44
CA GLY A 40 23.84 -5.44 -2.67
C GLY A 40 23.01 -6.69 -2.48
N VAL A 41 21.77 -6.66 -2.95
CA VAL A 41 20.84 -7.76 -2.76
C VAL A 41 20.50 -8.43 -4.08
N GLY A 42 20.29 -7.65 -5.14
CA GLY A 42 19.85 -8.20 -6.39
C GLY A 42 18.36 -8.41 -6.43
N PHE A 43 17.68 -7.84 -7.41
CA PHE A 43 16.24 -7.97 -7.52
C PHE A 43 15.81 -7.60 -8.93
N ASP A 44 14.66 -8.12 -9.32
CA ASP A 44 14.00 -7.60 -10.52
C ASP A 44 13.44 -6.21 -10.25
N GLN A 45 12.67 -6.06 -9.18
CA GLN A 45 12.09 -4.79 -8.79
C GLN A 45 12.18 -4.64 -7.27
N LEU A 46 12.17 -3.39 -6.82
CA LEU A 46 12.23 -3.04 -5.40
C LEU A 46 10.89 -2.44 -4.99
N LEU A 47 10.28 -3.03 -3.97
CA LEU A 47 9.00 -2.54 -3.42
C LEU A 47 9.28 -1.94 -2.04
N VAL A 48 8.93 -0.67 -1.89
CA VAL A 48 9.17 0.08 -0.66
C VAL A 48 7.84 0.47 -0.05
N VAL A 49 7.58 0.01 1.16
CA VAL A 49 6.34 0.32 1.88
C VAL A 49 6.56 1.56 2.73
N GLU A 50 5.72 2.56 2.55
CA GLU A 50 5.85 3.85 3.20
C GLU A 50 4.57 4.20 3.97
N PRO A 51 4.64 5.12 4.92
CA PRO A 51 3.42 5.64 5.53
C PRO A 51 2.56 6.32 4.49
N PRO A 52 1.25 6.42 4.71
CA PRO A 52 0.38 7.03 3.71
C PRO A 52 0.54 8.54 3.67
N TYR A 53 0.19 9.11 2.51
CA TYR A 53 0.08 10.55 2.34
C TYR A 53 -1.29 11.07 2.74
N ASP A 54 -2.28 10.20 2.80
CA ASP A 54 -3.68 10.55 3.01
C ASP A 54 -4.17 9.90 4.30
N PRO A 55 -4.80 10.65 5.21
CA PRO A 55 -5.23 10.08 6.49
C PRO A 55 -6.24 8.96 6.37
N GLU A 56 -6.89 8.81 5.21
CA GLU A 56 -7.89 7.76 5.01
C GLU A 56 -7.31 6.48 4.44
N LEU A 57 -6.05 6.49 4.00
CA LEU A 57 -5.42 5.28 3.49
C LEU A 57 -4.44 4.72 4.53
N ASP A 58 -4.08 3.46 4.36
CA ASP A 58 -3.22 2.75 5.30
C ASP A 58 -1.75 2.86 4.95
N PHE A 59 -1.41 2.80 3.66
CA PHE A 59 -0.01 2.84 3.25
C PHE A 59 0.12 3.52 1.90
N HIS A 60 1.36 3.83 1.56
CA HIS A 60 1.78 4.16 0.20
C HIS A 60 2.97 3.25 -0.11
N TYR A 61 3.05 2.76 -1.33
CA TYR A 61 4.23 2.00 -1.71
C TYR A 61 4.68 2.40 -3.11
N ARG A 62 5.98 2.26 -3.34
CA ARG A 62 6.60 2.59 -4.61
C ARG A 62 7.34 1.37 -5.14
N ILE A 63 7.54 1.35 -6.45
CA ILE A 63 8.32 0.32 -7.12
C ILE A 63 9.43 1.00 -7.91
N PHE A 64 10.66 0.54 -7.70
CA PHE A 64 11.84 1.03 -8.42
C PHE A 64 12.46 -0.11 -9.20
N ASN A 65 13.01 0.22 -10.37
CA ASN A 65 13.72 -0.77 -11.16
C ASN A 65 15.22 -0.72 -10.85
N ALA A 66 15.98 -1.58 -11.52
CA ALA A 66 17.41 -1.70 -11.23
C ALA A 66 18.17 -0.43 -11.59
N ASP A 67 17.67 0.35 -12.55
CA ASP A 67 18.33 1.60 -12.91
C ASP A 67 18.14 2.69 -11.85
N GLY A 68 17.30 2.46 -10.85
CA GLY A 68 17.02 3.45 -9.85
C GLY A 68 15.87 4.37 -10.16
N SER A 69 15.05 4.03 -11.15
CA SER A 69 13.91 4.85 -11.55
C SER A 69 12.64 4.32 -10.92
N GLU A 70 11.73 5.23 -10.57
CA GLU A 70 10.42 4.83 -10.08
C GLU A 70 9.58 4.33 -11.24
N VAL A 71 8.91 3.20 -11.04
CA VAL A 71 8.10 2.55 -12.07
C VAL A 71 6.63 2.71 -11.71
N ALA A 72 5.82 3.10 -12.69
CA ALA A 72 4.39 3.34 -12.49
C ALA A 72 3.59 2.45 -13.44
N GLN A 73 3.53 1.15 -13.13
CA GLN A 73 2.66 0.21 -13.82
C GLN A 73 1.51 -0.14 -12.89
N CYS A 74 0.28 0.06 -13.36
CA CYS A 74 -0.90 -0.07 -12.50
C CYS A 74 -1.04 -1.49 -11.99
N GLY A 75 -1.24 -1.62 -10.67
CA GLY A 75 -1.39 -2.91 -10.03
C GLY A 75 -0.11 -3.65 -9.74
N ASN A 76 1.03 -3.17 -10.25
CA ASN A 76 2.29 -3.88 -10.09
C ASN A 76 2.63 -4.09 -8.62
N GLY A 77 3.01 -5.31 -8.27
CA GLY A 77 3.44 -5.63 -6.92
C GLY A 77 2.36 -5.58 -5.86
N ALA A 78 1.09 -5.45 -6.24
CA ALA A 78 0.03 -5.29 -5.25
C ALA A 78 -0.10 -6.51 -4.35
N ARG A 79 0.09 -7.71 -4.90
CA ARG A 79 -0.13 -8.92 -4.13
C ARG A 79 0.94 -9.10 -3.05
N CYS A 80 2.21 -8.88 -3.40
CA CYS A 80 3.26 -8.97 -2.39
C CYS A 80 3.18 -7.86 -1.37
N PHE A 81 2.72 -6.66 -1.75
CA PHE A 81 2.59 -5.60 -0.77
C PHE A 81 1.58 -5.99 0.31
N ALA A 82 0.38 -6.42 -0.13
CA ALA A 82 -0.69 -6.73 0.81
C ALA A 82 -0.28 -7.83 1.78
N ARG A 83 0.36 -8.88 1.28
CA ARG A 83 0.79 -9.96 2.16
C ARG A 83 1.94 -9.51 3.05
N PHE A 84 2.82 -8.67 2.53
CA PHE A 84 4.00 -8.25 3.30
C PHE A 84 3.60 -7.47 4.54
N VAL A 85 2.70 -6.48 4.38
CA VAL A 85 2.36 -5.64 5.52
C VAL A 85 1.64 -6.46 6.60
N ARG A 86 0.96 -7.54 6.20
CA ARG A 86 0.35 -8.43 7.17
C ARG A 86 1.38 -9.37 7.80
N LEU A 87 2.26 -9.94 6.98
CA LEU A 87 3.30 -10.82 7.50
C LEU A 87 4.16 -10.11 8.54
N LYS A 88 4.44 -8.83 8.33
CA LYS A 88 5.33 -8.06 9.19
C LYS A 88 4.60 -7.36 10.32
N GLY A 89 3.29 -7.56 10.44
CA GLY A 89 2.56 -6.93 11.54
C GLY A 89 2.37 -5.44 11.40
N LEU A 90 2.53 -4.90 10.19
CA LEU A 90 2.22 -3.49 9.97
C LEU A 90 0.72 -3.22 9.96
N THR A 91 -0.08 -4.26 9.75
CA THR A 91 -1.54 -4.13 9.80
C THR A 91 -2.15 -5.51 9.99
N ASN A 92 -3.36 -5.52 10.52
CA ASN A 92 -4.15 -6.74 10.61
C ASN A 92 -5.39 -6.69 9.74
N LYS A 93 -5.58 -5.61 8.98
CA LYS A 93 -6.75 -5.50 8.12
C LYS A 93 -6.68 -6.53 7.00
N ARG A 94 -7.85 -6.92 6.51
CA ARG A 94 -7.95 -7.75 5.32
C ARG A 94 -8.26 -6.94 4.06
N ASP A 95 -8.89 -5.78 4.22
CA ASP A 95 -9.10 -4.81 3.15
C ASP A 95 -8.15 -3.65 3.39
N ILE A 96 -7.07 -3.60 2.62
CA ILE A 96 -5.98 -2.64 2.82
C ILE A 96 -6.10 -1.58 1.74
N ARG A 97 -6.24 -0.31 2.15
CA ARG A 97 -6.33 0.81 1.24
C ARG A 97 -4.95 1.45 1.09
N VAL A 98 -4.47 1.57 -0.14
CA VAL A 98 -3.10 1.97 -0.41
C VAL A 98 -3.06 2.88 -1.62
N SER A 99 -2.13 3.84 -1.60
CA SER A 99 -1.85 4.68 -2.75
C SER A 99 -0.57 4.20 -3.44
N THR A 100 -0.53 4.37 -4.76
CA THR A 100 0.63 4.04 -5.57
C THR A 100 0.93 5.18 -6.53
N ALA A 101 1.89 4.98 -7.43
CA ALA A 101 2.16 6.00 -8.45
C ALA A 101 1.03 6.11 -9.47
N ASN A 102 0.12 5.13 -9.53
CA ASN A 102 -0.99 5.14 -10.47
C ASN A 102 -2.33 5.40 -9.79
N GLY A 103 -2.33 5.88 -8.55
CA GLY A 103 -3.57 6.13 -7.85
C GLY A 103 -3.73 5.27 -6.61
N ARG A 104 -4.96 5.00 -6.21
CA ARG A 104 -5.25 4.24 -5.00
C ARG A 104 -6.05 2.99 -5.34
N MET A 105 -5.83 1.94 -4.55
CA MET A 105 -6.56 0.68 -4.68
C MET A 105 -7.01 0.20 -3.30
N VAL A 106 -7.99 -0.69 -3.31
CA VAL A 106 -8.37 -1.45 -2.13
C VAL A 106 -8.00 -2.90 -2.40
N LEU A 107 -7.08 -3.43 -1.60
CA LEU A 107 -6.63 -4.81 -1.74
C LEU A 107 -7.25 -5.68 -0.66
N THR A 108 -7.74 -6.85 -1.05
CA THR A 108 -8.38 -7.77 -0.13
C THR A 108 -7.56 -9.05 -0.03
N VAL A 109 -7.10 -9.35 1.17
CA VAL A 109 -6.42 -10.61 1.45
C VAL A 109 -7.48 -11.63 1.85
N THR A 110 -7.74 -12.60 0.98
CA THR A 110 -8.68 -13.67 1.30
C THR A 110 -8.08 -14.60 2.36
N ASP A 111 -8.95 -15.44 2.93
CA ASP A 111 -8.52 -16.29 4.04
C ASP A 111 -7.56 -17.41 3.61
N ASP A 112 -7.40 -17.64 2.31
CA ASP A 112 -6.37 -18.53 1.79
C ASP A 112 -5.05 -17.81 1.56
N ASP A 113 -4.89 -16.59 2.09
CA ASP A 113 -3.70 -15.77 1.90
C ASP A 113 -3.42 -15.53 0.41
N LEU A 114 -4.48 -15.32 -0.35
CA LEU A 114 -4.41 -14.79 -1.70
C LEU A 114 -4.92 -13.36 -1.67
N VAL A 115 -4.47 -12.56 -2.63
CA VAL A 115 -4.80 -11.13 -2.68
C VAL A 115 -5.67 -10.87 -3.90
N ARG A 116 -6.82 -10.24 -3.67
CA ARG A 116 -7.77 -9.93 -4.72
C ARG A 116 -7.72 -8.45 -5.06
N VAL A 117 -7.71 -8.15 -6.36
CA VAL A 117 -7.65 -6.77 -6.87
C VAL A 117 -8.89 -6.51 -7.72
N ASN A 118 -9.50 -5.34 -7.53
CA ASN A 118 -10.60 -4.89 -8.37
C ASN A 118 -10.01 -4.17 -9.56
N MET A 119 -10.17 -4.75 -10.76
CA MET A 119 -9.60 -4.20 -11.98
C MET A 119 -10.59 -3.35 -12.77
N GLY A 120 -11.78 -3.09 -12.22
CA GLY A 120 -12.76 -2.30 -12.91
C GLY A 120 -13.60 -3.12 -13.88
N GLU A 121 -14.47 -2.40 -14.61
CA GLU A 121 -15.38 -3.06 -15.55
C GLU A 121 -14.78 -3.06 -16.95
N PRO A 122 -14.67 -4.22 -17.59
CA PRO A 122 -14.17 -4.25 -18.97
C PRO A 122 -15.06 -3.45 -19.91
N ASN A 123 -14.45 -2.95 -20.99
CA ASN A 123 -15.13 -2.11 -21.97
C ASN A 123 -14.93 -2.73 -23.35
N PHE A 124 -16.05 -3.09 -24.00
CA PHE A 124 -16.01 -3.73 -25.30
C PHE A 124 -16.28 -2.79 -26.46
N GLU A 125 -16.63 -1.54 -26.17
CA GLU A 125 -16.86 -0.54 -27.21
C GLU A 125 -15.57 -0.36 -28.00
N PRO A 126 -15.57 -0.73 -29.29
CA PRO A 126 -14.32 -0.66 -30.08
C PRO A 126 -13.71 0.73 -30.14
N SER A 127 -14.49 1.78 -29.86
CA SER A 127 -13.94 3.13 -29.89
C SER A 127 -12.90 3.33 -28.80
N ALA A 128 -13.06 2.62 -27.67
CA ALA A 128 -12.24 2.85 -26.49
C ALA A 128 -11.17 1.78 -26.28
N VAL A 129 -10.98 0.89 -27.24
CA VAL A 129 -9.95 -0.16 -27.10
C VAL A 129 -8.57 0.40 -27.43
N PRO A 130 -8.36 1.08 -28.58
CA PRO A 130 -9.24 1.40 -29.71
C PRO A 130 -9.19 0.32 -30.80
N PHE A 131 -10.28 0.19 -31.56
CA PHE A 131 -10.44 -0.87 -32.54
C PHE A 131 -11.20 -0.34 -33.74
N ARG A 132 -10.69 -0.62 -34.94
CA ARG A 132 -11.39 -0.25 -36.16
C ARG A 132 -12.50 -1.25 -36.41
N ALA A 133 -13.73 -0.87 -36.06
CA ALA A 133 -14.91 -1.71 -36.24
C ALA A 133 -16.14 -0.82 -36.08
N ASN A 134 -17.20 -1.20 -36.79
CA ASN A 134 -18.38 -0.34 -36.84
C ASN A 134 -19.18 -0.38 -35.54
N LYS A 135 -19.31 -1.56 -34.92
CA LYS A 135 -19.93 -1.63 -33.60
C LYS A 135 -19.50 -2.91 -32.91
N ALA A 136 -19.76 -2.97 -31.61
CA ALA A 136 -19.27 -4.07 -30.79
C ALA A 136 -20.00 -5.37 -31.12
N GLU A 137 -19.23 -6.46 -31.18
CA GLU A 137 -19.75 -7.80 -31.34
C GLU A 137 -19.03 -8.73 -30.36
N LYS A 138 -19.67 -9.87 -30.08
CA LYS A 138 -19.01 -10.89 -29.27
C LYS A 138 -17.83 -11.52 -30.00
N THR A 139 -17.82 -11.47 -31.32
CA THR A 139 -16.73 -12.01 -32.12
C THR A 139 -16.53 -11.12 -33.34
N TYR A 140 -15.27 -11.02 -33.76
CA TYR A 140 -14.92 -10.29 -34.97
C TYR A 140 -14.11 -11.20 -35.89
N ILE A 141 -14.16 -10.88 -37.18
CA ILE A 141 -13.37 -11.58 -38.19
C ILE A 141 -12.24 -10.65 -38.63
N MET A 142 -11.04 -11.22 -38.75
CA MET A 142 -9.87 -10.44 -39.16
C MET A 142 -9.00 -11.31 -40.06
N ARG A 143 -8.74 -10.82 -41.27
CA ARG A 143 -7.83 -11.50 -42.20
C ARG A 143 -6.40 -11.12 -41.81
N ALA A 144 -5.66 -12.07 -41.26
CA ALA A 144 -4.28 -11.87 -40.82
C ALA A 144 -3.38 -12.65 -41.77
N ALA A 145 -2.64 -11.92 -42.61
CA ALA A 145 -1.78 -12.52 -43.63
C ALA A 145 -2.63 -13.45 -44.47
N GLU A 146 -2.23 -14.70 -44.66
CA GLU A 146 -2.97 -15.66 -45.48
C GLU A 146 -3.88 -16.51 -44.63
N GLN A 147 -4.58 -15.91 -43.66
CA GLN A 147 -5.33 -16.69 -42.68
C GLN A 147 -6.41 -15.81 -42.08
N THR A 148 -7.66 -16.29 -42.13
CA THR A 148 -8.81 -15.62 -41.52
C THR A 148 -9.05 -16.22 -40.13
N ILE A 149 -9.18 -15.34 -39.12
CA ILE A 149 -9.33 -15.79 -37.74
C ILE A 149 -10.50 -15.09 -37.08
N LEU A 150 -10.93 -15.65 -35.96
CA LEU A 150 -11.99 -15.11 -35.12
C LEU A 150 -11.41 -14.67 -33.79
N CYS A 151 -12.02 -13.65 -33.20
CA CYS A 151 -11.45 -13.07 -31.99
C CYS A 151 -12.49 -12.21 -31.29
N GLY A 152 -12.24 -11.98 -30.00
CA GLY A 152 -12.95 -10.99 -29.22
C GLY A 152 -12.01 -9.86 -28.84
N VAL A 153 -12.56 -8.65 -28.69
CA VAL A 153 -11.77 -7.47 -28.41
C VAL A 153 -12.36 -6.75 -27.21
N VAL A 154 -11.51 -6.44 -26.23
CA VAL A 154 -11.93 -5.71 -25.03
C VAL A 154 -10.77 -4.86 -24.55
N SER A 155 -11.08 -3.77 -23.85
CA SER A 155 -10.10 -2.91 -23.23
C SER A 155 -10.26 -2.97 -21.72
N MET A 156 -9.15 -3.13 -21.02
CA MET A 156 -9.10 -3.12 -19.57
C MET A 156 -8.22 -1.97 -19.08
N GLY A 157 -8.29 -0.85 -19.78
CA GLY A 157 -7.29 0.19 -19.67
C GLY A 157 -6.36 0.13 -20.86
N ASN A 158 -5.93 -1.07 -21.20
CA ASN A 158 -5.11 -1.35 -22.37
C ASN A 158 -5.87 -2.21 -23.36
N PRO A 159 -5.50 -2.16 -24.64
CA PRO A 159 -6.21 -2.95 -25.65
C PRO A 159 -5.89 -4.43 -25.55
N HIS A 160 -6.88 -5.26 -25.87
CA HIS A 160 -6.72 -6.71 -25.85
C HIS A 160 -7.52 -7.35 -26.97
N CYS A 161 -6.89 -8.31 -27.65
CA CYS A 161 -7.56 -9.13 -28.65
C CYS A 161 -7.29 -10.58 -28.29
N VAL A 162 -8.35 -11.35 -28.06
CA VAL A 162 -8.23 -12.72 -27.57
C VAL A 162 -8.75 -13.67 -28.64
N ILE A 163 -8.05 -14.78 -28.85
CA ILE A 163 -8.51 -15.79 -29.79
C ILE A 163 -8.33 -17.16 -29.12
N GLN A 164 -9.19 -18.09 -29.50
CA GLN A 164 -9.23 -19.41 -28.88
C GLN A 164 -8.34 -20.38 -29.65
N VAL A 165 -7.34 -20.92 -28.97
CA VAL A 165 -6.56 -22.01 -29.49
C VAL A 165 -7.05 -23.28 -28.81
N ASP A 166 -6.61 -24.43 -29.32
CA ASP A 166 -7.04 -25.70 -28.75
C ASP A 166 -5.95 -26.36 -27.91
N ASP A 167 -4.77 -25.75 -27.85
CA ASP A 167 -3.70 -25.99 -26.89
C ASP A 167 -2.68 -24.89 -27.10
N VAL A 168 -2.07 -24.42 -26.01
CA VAL A 168 -1.21 -23.24 -26.12
C VAL A 168 0.24 -23.64 -26.36
N ASP A 169 0.62 -24.87 -26.04
CA ASP A 169 1.91 -25.37 -26.52
C ASP A 169 1.88 -25.59 -28.02
N THR A 170 0.70 -25.82 -28.61
CA THR A 170 0.59 -25.95 -30.05
C THR A 170 0.11 -24.64 -30.70
N ALA A 171 0.51 -23.51 -30.10
CA ALA A 171 0.04 -22.19 -30.52
C ALA A 171 1.09 -21.49 -31.35
N ALA A 172 0.63 -20.82 -32.41
CA ALA A 172 1.48 -20.08 -33.34
C ALA A 172 1.84 -18.72 -32.77
N VAL A 173 2.43 -18.69 -31.57
CA VAL A 173 2.55 -17.44 -30.83
C VAL A 173 3.52 -16.49 -31.51
N GLU A 174 4.66 -16.99 -31.99
CA GLU A 174 5.68 -16.11 -32.56
C GLU A 174 5.39 -15.73 -34.01
N THR A 175 4.62 -16.55 -34.73
CA THR A 175 4.26 -16.16 -36.10
C THR A 175 2.96 -15.37 -36.15
N LEU A 176 2.05 -15.60 -35.21
CA LEU A 176 0.75 -14.95 -35.20
C LEU A 176 0.71 -13.73 -34.30
N GLY A 177 1.41 -13.78 -33.17
CA GLY A 177 1.44 -12.69 -32.22
C GLY A 177 1.76 -11.33 -32.83
N PRO A 178 2.94 -11.20 -33.45
CA PRO A 178 3.32 -9.90 -34.04
C PRO A 178 2.36 -9.39 -35.10
N VAL A 179 1.73 -10.29 -35.86
CA VAL A 179 0.90 -9.86 -36.99
C VAL A 179 -0.34 -9.12 -36.50
N LEU A 180 -0.97 -9.60 -35.44
CA LEU A 180 -2.16 -8.93 -34.93
C LEU A 180 -1.86 -7.89 -33.87
N GLU A 181 -0.71 -8.01 -33.18
CA GLU A 181 -0.32 -6.99 -32.22
C GLU A 181 -0.18 -5.63 -32.91
N SER A 182 0.41 -5.61 -34.10
CA SER A 182 0.54 -4.38 -34.87
C SER A 182 -0.37 -4.41 -36.10
N HIS A 183 -1.63 -4.78 -35.88
CA HIS A 183 -2.60 -4.86 -36.97
C HIS A 183 -3.22 -3.48 -37.22
N GLU A 184 -3.52 -3.20 -38.50
CA GLU A 184 -3.97 -1.88 -38.90
C GLU A 184 -5.24 -1.45 -38.15
N ARG A 185 -6.09 -2.41 -37.78
CA ARG A 185 -7.30 -2.10 -37.05
C ARG A 185 -7.05 -1.86 -35.56
N PHE A 186 -5.79 -1.89 -35.11
CA PHE A 186 -5.41 -1.55 -33.75
C PHE A 186 -4.52 -0.30 -33.82
N PRO A 187 -5.12 0.91 -33.83
CA PRO A 187 -4.30 2.12 -34.00
C PRO A 187 -3.25 2.32 -32.92
N GLU A 188 -3.44 1.73 -31.74
CA GLU A 188 -2.45 1.81 -30.67
C GLU A 188 -1.92 0.43 -30.32
N ARG A 189 -1.95 -0.48 -31.30
CA ARG A 189 -1.58 -1.88 -31.11
C ARG A 189 -2.48 -2.53 -30.06
N ALA A 190 -2.20 -3.79 -29.71
CA ALA A 190 -3.01 -4.49 -28.72
C ALA A 190 -2.27 -5.72 -28.23
N ASN A 191 -2.57 -6.11 -26.98
CA ASN A 191 -2.08 -7.37 -26.45
C ASN A 191 -2.94 -8.51 -26.96
N ILE A 192 -2.31 -9.50 -27.59
CA ILE A 192 -3.02 -10.62 -28.20
C ILE A 192 -2.85 -11.84 -27.31
N GLY A 193 -3.95 -12.48 -26.97
CA GLY A 193 -3.95 -13.63 -26.06
C GLY A 193 -4.45 -14.88 -26.72
N PHE A 194 -3.80 -16.00 -26.45
CA PHE A 194 -4.16 -17.28 -27.02
C PHE A 194 -4.73 -18.15 -25.91
N MET A 195 -6.04 -18.35 -25.95
CA MET A 195 -6.81 -18.94 -24.85
C MET A 195 -7.21 -20.36 -25.22
N GLN A 196 -6.67 -21.33 -24.50
CA GLN A 196 -7.10 -22.73 -24.61
C GLN A 196 -8.10 -23.02 -23.49
N VAL A 197 -9.37 -23.15 -23.86
CA VAL A 197 -10.41 -23.47 -22.89
C VAL A 197 -10.30 -24.95 -22.54
N VAL A 198 -10.01 -25.23 -21.26
CA VAL A 198 -10.02 -26.59 -20.76
C VAL A 198 -11.37 -26.92 -20.14
N LYS A 199 -12.00 -25.92 -19.52
CA LYS A 199 -13.31 -26.09 -18.89
C LYS A 199 -13.93 -24.70 -18.80
N ARG A 200 -15.24 -24.66 -18.55
CA ARG A 200 -15.92 -23.41 -18.31
C ARG A 200 -15.35 -22.65 -17.13
N GLU A 201 -14.56 -23.30 -16.27
CA GLU A 201 -13.97 -22.67 -15.08
C GLU A 201 -12.46 -22.85 -15.04
N HIS A 202 -11.83 -23.16 -16.18
CA HIS A 202 -10.41 -23.50 -16.22
C HIS A 202 -9.88 -23.14 -17.59
N ILE A 203 -8.73 -22.46 -17.64
CA ILE A 203 -8.14 -22.00 -18.90
C ILE A 203 -6.63 -22.00 -18.78
N ARG A 204 -5.96 -22.36 -19.87
CA ARG A 204 -4.54 -22.10 -20.06
C ARG A 204 -4.38 -20.98 -21.08
N LEU A 205 -3.30 -20.22 -20.96
CA LEU A 205 -3.19 -19.00 -21.75
C LEU A 205 -1.73 -18.54 -21.85
N ARG A 206 -1.33 -18.16 -23.07
CA ARG A 206 -0.10 -17.42 -23.31
C ARG A 206 -0.49 -16.10 -23.96
N VAL A 207 0.32 -15.06 -23.73
CA VAL A 207 -0.01 -13.71 -24.14
C VAL A 207 1.19 -13.08 -24.84
N TYR A 208 0.96 -12.52 -26.03
CA TYR A 208 1.94 -11.69 -26.73
C TYR A 208 1.64 -10.24 -26.37
N GLU A 209 2.37 -9.70 -25.41
CA GLU A 209 2.10 -8.35 -24.92
C GLU A 209 2.35 -7.32 -26.01
N ARG A 210 1.83 -6.11 -25.78
CA ARG A 210 1.80 -5.08 -26.82
C ARG A 210 3.20 -4.79 -27.37
N GLY A 211 4.10 -4.36 -26.50
CA GLY A 211 5.42 -4.01 -26.97
C GLY A 211 6.49 -5.04 -26.69
N ALA A 212 6.23 -5.93 -25.73
CA ALA A 212 7.27 -6.82 -25.22
C ALA A 212 7.24 -8.22 -25.81
N GLY A 213 6.08 -8.70 -26.23
CA GLY A 213 5.98 -10.09 -26.65
C GLY A 213 5.53 -10.99 -25.51
N GLU A 214 6.05 -12.21 -25.44
CA GLU A 214 5.63 -13.15 -24.42
C GLU A 214 6.37 -12.86 -23.12
N THR A 215 5.64 -12.36 -22.13
CA THR A 215 6.06 -12.39 -20.73
C THR A 215 5.39 -13.58 -20.07
N GLN A 216 6.08 -14.16 -19.08
CA GLN A 216 5.54 -15.34 -18.41
C GLN A 216 4.32 -15.02 -17.55
N ALA A 217 4.10 -13.77 -17.19
CA ALA A 217 2.92 -13.38 -16.41
C ALA A 217 2.47 -11.99 -16.81
N CYS A 218 1.24 -11.89 -17.33
CA CYS A 218 0.61 -10.63 -17.67
C CYS A 218 -0.79 -10.65 -17.09
N GLY A 219 -1.02 -9.86 -16.05
CA GLY A 219 -2.30 -9.92 -15.35
C GLY A 219 -3.46 -9.39 -16.17
N SER A 220 -3.23 -8.31 -16.93
CA SER A 220 -4.32 -7.72 -17.71
C SER A 220 -4.80 -8.66 -18.80
N GLY A 221 -3.90 -9.49 -19.34
CA GLY A 221 -4.31 -10.44 -20.36
C GLY A 221 -5.22 -11.53 -19.81
N ALA A 222 -4.90 -12.05 -18.61
CA ALA A 222 -5.78 -13.03 -17.98
C ALA A 222 -7.15 -12.43 -17.70
N CYS A 223 -7.18 -11.16 -17.28
CA CYS A 223 -8.45 -10.48 -17.08
C CYS A 223 -9.22 -10.36 -18.39
N ALA A 224 -8.50 -10.07 -19.48
CA ALA A 224 -9.16 -9.85 -20.76
C ALA A 224 -9.69 -11.14 -21.36
N ALA A 225 -8.91 -12.22 -21.29
CA ALA A 225 -9.34 -13.49 -21.88
C ALA A 225 -10.56 -14.05 -21.18
N VAL A 226 -10.68 -13.83 -19.87
CA VAL A 226 -11.86 -14.28 -19.14
C VAL A 226 -13.03 -13.36 -19.39
N ALA A 227 -12.78 -12.05 -19.49
CA ALA A 227 -13.87 -11.13 -19.77
C ALA A 227 -14.52 -11.43 -21.11
N VAL A 228 -13.74 -11.80 -22.12
CA VAL A 228 -14.32 -12.09 -23.43
C VAL A 228 -15.00 -13.44 -23.43
N GLY A 229 -14.34 -14.46 -22.88
CA GLY A 229 -14.95 -15.77 -22.81
C GLY A 229 -16.28 -15.77 -22.09
N ILE A 230 -16.44 -14.89 -21.08
CA ILE A 230 -17.73 -14.75 -20.44
C ILE A 230 -18.72 -14.04 -21.36
N GLN A 231 -18.32 -12.88 -21.89
CA GLN A 231 -19.21 -12.12 -22.77
C GLN A 231 -19.57 -12.93 -24.01
N GLN A 232 -18.67 -13.80 -24.47
CA GLN A 232 -18.97 -14.68 -25.60
C GLN A 232 -19.83 -15.87 -25.19
N GLY A 233 -20.07 -16.07 -23.89
CA GLY A 233 -20.91 -17.15 -23.41
C GLY A 233 -20.21 -18.47 -23.20
N LEU A 234 -18.88 -18.48 -23.18
CA LEU A 234 -18.11 -19.73 -23.13
C LEU A 234 -17.61 -20.08 -21.74
N LEU A 235 -17.75 -19.20 -20.75
CA LEU A 235 -17.07 -19.40 -19.48
C LEU A 235 -17.98 -19.06 -18.30
N ALA A 236 -17.69 -19.68 -17.17
CA ALA A 236 -18.42 -19.43 -15.94
C ALA A 236 -17.99 -18.10 -15.32
N GLU A 237 -18.73 -17.69 -14.28
CA GLU A 237 -18.52 -16.43 -13.60
C GLU A 237 -17.20 -16.38 -12.82
N GLU A 238 -16.53 -17.51 -12.64
CA GLU A 238 -15.26 -17.57 -11.92
C GLU A 238 -14.37 -18.59 -12.61
N VAL A 239 -13.24 -18.12 -13.15
CA VAL A 239 -12.37 -18.93 -14.00
C VAL A 239 -10.98 -18.98 -13.41
N ARG A 240 -10.37 -20.16 -13.44
CA ARG A 240 -8.96 -20.33 -13.14
C ARG A 240 -8.16 -20.15 -14.43
N VAL A 241 -7.06 -19.40 -14.34
CA VAL A 241 -6.21 -19.11 -15.49
C VAL A 241 -4.80 -19.58 -15.17
N GLU A 242 -4.23 -20.40 -16.06
CA GLU A 242 -2.87 -20.90 -15.90
C GLU A 242 -1.99 -20.32 -17.00
N LEU A 243 -1.02 -19.51 -16.59
CA LEU A 243 -0.03 -18.92 -17.47
C LEU A 243 1.34 -19.51 -17.17
N PRO A 244 2.32 -19.34 -18.07
CA PRO A 244 3.68 -19.83 -17.78
C PRO A 244 4.24 -19.34 -16.45
N GLY A 245 3.82 -18.17 -15.98
CA GLY A 245 4.30 -17.64 -14.72
C GLY A 245 3.60 -18.16 -13.48
N GLY A 246 2.44 -18.78 -13.64
CA GLY A 246 1.70 -19.29 -12.51
C GLY A 246 0.21 -19.27 -12.79
N ARG A 247 -0.57 -19.27 -11.71
CA ARG A 247 -2.02 -19.35 -11.79
C ARG A 247 -2.66 -18.10 -11.20
N LEU A 248 -3.64 -17.56 -11.92
CA LEU A 248 -4.52 -16.51 -11.42
C LEU A 248 -5.95 -17.02 -11.42
N ASP A 249 -6.83 -16.30 -10.72
CA ASP A 249 -8.24 -16.66 -10.65
C ASP A 249 -9.07 -15.40 -10.84
N ILE A 250 -9.83 -15.36 -11.92
CA ILE A 250 -10.63 -14.20 -12.30
C ILE A 250 -12.08 -14.43 -11.88
N ALA A 251 -12.78 -13.34 -11.60
CA ALA A 251 -14.19 -13.37 -11.23
C ALA A 251 -14.86 -12.12 -11.75
N TRP A 252 -16.01 -12.29 -12.41
CA TRP A 252 -16.71 -11.16 -13.03
C TRP A 252 -18.16 -11.57 -13.31
N LYS A 253 -19.10 -10.73 -12.87
CA LYS A 253 -20.53 -11.03 -12.99
C LYS A 253 -21.13 -10.50 -14.28
N GLY A 254 -20.33 -9.97 -15.20
CA GLY A 254 -20.85 -9.46 -16.45
C GLY A 254 -20.98 -7.95 -16.44
N PRO A 255 -21.43 -7.39 -17.56
CA PRO A 255 -21.51 -5.93 -17.67
C PRO A 255 -22.32 -5.30 -16.55
N GLY A 256 -21.88 -4.13 -16.10
CA GLY A 256 -22.42 -3.49 -14.91
C GLY A 256 -21.68 -3.82 -13.63
N HIS A 257 -20.78 -4.78 -13.66
CA HIS A 257 -20.01 -5.22 -12.50
C HIS A 257 -18.52 -4.99 -12.72
N PRO A 258 -17.74 -4.89 -11.66
CA PRO A 258 -16.29 -4.88 -11.80
C PRO A 258 -15.72 -6.29 -11.85
N LEU A 259 -14.61 -6.43 -12.57
CA LEU A 259 -13.90 -7.69 -12.66
C LEU A 259 -12.86 -7.76 -11.56
N TYR A 260 -12.75 -8.93 -10.93
CA TYR A 260 -11.82 -9.15 -9.84
C TYR A 260 -10.76 -10.16 -10.25
N MET A 261 -9.51 -9.87 -9.90
CA MET A 261 -8.40 -10.77 -10.13
C MET A 261 -7.76 -11.13 -8.80
N THR A 262 -7.53 -12.43 -8.59
CA THR A 262 -6.96 -12.94 -7.35
C THR A 262 -5.71 -13.73 -7.69
N GLY A 263 -4.62 -13.48 -6.95
CA GLY A 263 -3.36 -14.13 -7.21
C GLY A 263 -2.55 -14.35 -5.95
N PRO A 264 -1.52 -15.18 -6.05
CA PRO A 264 -0.69 -15.48 -4.89
C PRO A 264 0.51 -14.55 -4.77
N ALA A 265 1.09 -14.56 -3.58
CA ALA A 265 2.37 -13.92 -3.32
C ALA A 265 3.17 -14.82 -2.41
N VAL A 266 4.39 -15.15 -2.81
CA VAL A 266 5.24 -16.08 -2.07
C VAL A 266 6.28 -15.29 -1.30
N HIS A 267 6.36 -15.54 0.00
CA HIS A 267 7.42 -14.99 0.84
C HIS A 267 8.58 -15.98 0.82
N VAL A 268 9.70 -15.60 0.22
CA VAL A 268 10.75 -16.58 -0.02
C VAL A 268 11.91 -16.43 0.97
N ALA A 269 12.16 -15.23 1.48
CA ALA A 269 13.27 -15.05 2.41
C ALA A 269 13.21 -13.67 3.06
N ASP A 270 13.86 -13.56 4.21
CA ASP A 270 14.15 -12.32 4.90
C ASP A 270 15.66 -12.10 4.93
N GLY A 271 16.07 -10.85 5.09
CA GLY A 271 17.48 -10.55 5.05
C GLY A 271 17.84 -9.25 5.72
N PHE A 272 19.14 -9.08 5.93
CA PHE A 272 19.74 -7.86 6.46
C PHE A 272 20.79 -7.35 5.48
N ILE A 273 20.95 -6.03 5.42
CA ILE A 273 22.08 -5.45 4.70
C ILE A 273 22.42 -4.10 5.33
N HIS A 274 23.70 -3.90 5.63
CA HIS A 274 24.18 -2.64 6.17
C HIS A 274 24.41 -1.66 5.03
N LEU A 275 23.82 -0.46 5.16
CA LEU A 275 23.95 0.55 4.12
C LEU A 275 25.11 1.48 4.40
N SER B 1 13.90 24.28 37.82
CA SER B 1 13.26 23.67 36.66
C SER B 1 13.39 22.16 36.68
N MET B 2 12.68 21.50 35.76
CA MET B 2 12.79 20.06 35.59
C MET B 2 13.82 19.67 34.56
N ILE B 3 14.36 20.64 33.80
CA ILE B 3 15.37 20.34 32.81
C ILE B 3 16.54 19.64 33.47
N ASP B 4 16.84 18.42 33.01
CA ASP B 4 18.00 17.72 33.52
C ASP B 4 19.29 18.41 33.05
N ASP B 5 20.42 17.89 33.51
CA ASP B 5 21.72 18.52 33.24
C ASP B 5 22.16 18.38 31.78
N ASP B 6 21.52 17.51 31.01
CA ASP B 6 21.76 17.47 29.58
C ASP B 6 21.05 18.59 28.84
N GLY B 7 19.95 19.10 29.41
CA GLY B 7 19.12 20.07 28.74
C GLY B 7 17.77 19.53 28.27
N TYR B 8 17.37 18.34 28.70
CA TYR B 8 16.13 17.71 28.27
C TYR B 8 15.05 17.92 29.32
N ARG B 9 13.90 18.47 28.91
CA ARG B 9 12.78 18.64 29.83
C ARG B 9 11.93 17.37 29.85
N PRO B 10 11.62 16.83 31.03
CA PRO B 10 10.77 15.63 31.08
C PRO B 10 9.39 15.91 30.52
N ASN B 11 8.86 14.93 29.78
CA ASN B 11 7.71 15.17 28.95
C ASN B 11 6.92 13.88 28.80
N VAL B 12 5.62 14.02 28.54
CA VAL B 12 4.74 12.88 28.34
C VAL B 12 3.99 13.06 27.02
N GLY B 13 3.86 11.99 26.25
CA GLY B 13 3.17 12.01 24.98
C GLY B 13 2.05 11.00 24.96
N ILE B 14 0.98 11.32 24.23
CA ILE B 14 -0.26 10.56 24.28
C ILE B 14 -0.67 10.13 22.86
N VAL B 15 -0.92 8.84 22.70
CA VAL B 15 -1.47 8.28 21.47
C VAL B 15 -2.83 7.70 21.81
N ILE B 16 -3.89 8.34 21.32
CA ILE B 16 -5.27 7.94 21.60
C ILE B 16 -5.82 7.22 20.39
N CYS B 17 -6.19 5.96 20.56
CA CYS B 17 -6.76 5.17 19.48
C CYS B 17 -8.23 4.86 19.75
N ASN B 18 -8.99 4.67 18.68
CA ASN B 18 -10.36 4.21 18.80
C ASN B 18 -10.41 2.71 18.51
N ARG B 19 -11.62 2.16 18.46
CA ARG B 19 -11.77 0.73 18.28
C ARG B 19 -11.60 0.30 16.83
N GLN B 20 -11.44 1.24 15.89
CA GLN B 20 -11.15 0.94 14.50
C GLN B 20 -9.67 1.07 14.17
N GLY B 21 -8.80 1.24 15.17
CA GLY B 21 -7.39 1.35 14.90
C GLY B 21 -6.93 2.69 14.37
N GLN B 22 -7.78 3.72 14.39
CA GLN B 22 -7.34 5.06 14.07
C GLN B 22 -6.74 5.72 15.31
N VAL B 23 -5.97 6.78 15.10
CA VAL B 23 -5.33 7.49 16.20
C VAL B 23 -5.70 8.96 16.11
N MET B 24 -5.72 9.62 17.28
CA MET B 24 -6.16 11.00 17.35
C MET B 24 -5.03 11.94 16.95
N TRP B 25 -5.33 12.86 16.06
CA TRP B 25 -4.38 13.79 15.46
C TRP B 25 -4.88 15.20 15.76
N ALA B 26 -4.04 16.00 16.41
CA ALA B 26 -4.47 17.29 16.95
C ALA B 26 -3.71 18.43 16.29
N ARG B 27 -4.43 19.52 16.00
CA ARG B 27 -3.82 20.71 15.40
C ARG B 27 -3.43 21.70 16.49
N ARG B 28 -2.20 22.21 16.42
CA ARG B 28 -1.74 23.18 17.40
C ARG B 28 -2.39 24.54 17.17
N PHE B 29 -2.68 25.23 18.28
CA PHE B 29 -3.48 26.45 18.23
C PHE B 29 -2.87 27.50 17.33
N GLY B 30 -3.68 28.04 16.41
CA GLY B 30 -3.24 29.11 15.54
C GLY B 30 -2.03 28.76 14.69
N GLN B 31 -1.94 27.51 14.26
CA GLN B 31 -0.81 27.05 13.45
C GLN B 31 -1.32 26.06 12.42
N HIS B 32 -0.42 25.72 11.49
CA HIS B 32 -0.70 24.75 10.45
C HIS B 32 -0.41 23.32 10.86
N SER B 33 0.36 23.12 11.94
CA SER B 33 1.01 21.85 12.21
C SER B 33 0.16 20.97 13.12
N TRP B 34 0.25 19.67 12.89
CA TRP B 34 -0.49 18.67 13.65
C TRP B 34 0.48 17.74 14.36
N GLN B 35 -0.01 17.09 15.41
CA GLN B 35 0.85 16.27 16.25
C GLN B 35 -0.01 15.52 17.26
N PHE B 36 0.62 14.58 17.95
CA PHE B 36 0.00 13.97 19.11
C PHE B 36 0.06 14.93 20.29
N PRO B 37 -0.89 14.85 21.22
CA PRO B 37 -0.79 15.66 22.45
C PRO B 37 0.44 15.28 23.24
N GLN B 38 1.15 16.30 23.74
CA GLN B 38 2.27 16.07 24.64
C GLN B 38 2.37 17.27 25.57
N GLY B 39 2.94 17.03 26.76
CA GLY B 39 3.02 18.09 27.75
C GLY B 39 4.13 17.83 28.73
N GLY B 40 4.57 18.89 29.39
CA GLY B 40 5.64 18.78 30.36
C GLY B 40 5.15 18.16 31.67
N ILE B 41 6.04 17.38 32.28
CA ILE B 41 5.78 16.87 33.62
C ILE B 41 6.06 17.98 34.63
N ASN B 42 5.18 18.13 35.59
CA ASN B 42 5.30 19.19 36.57
C ASN B 42 6.02 18.68 37.82
N PRO B 43 6.57 19.59 38.64
CA PRO B 43 7.27 19.15 39.85
C PRO B 43 6.35 18.38 40.78
N GLY B 44 6.81 17.21 41.23
CA GLY B 44 6.10 16.41 42.19
C GLY B 44 5.21 15.33 41.61
N GLU B 45 4.85 15.42 40.33
CA GLU B 45 3.96 14.44 39.72
C GLU B 45 4.77 13.41 38.93
N SER B 46 4.22 12.21 38.83
CA SER B 46 4.80 11.16 38.01
C SER B 46 4.34 11.30 36.56
N ALA B 47 4.89 10.45 35.70
CA ALA B 47 4.53 10.49 34.28
C ALA B 47 3.04 10.27 34.08
N GLU B 48 2.48 9.24 34.70
CA GLU B 48 1.06 8.93 34.53
C GLU B 48 0.18 10.08 35.03
N GLN B 49 0.56 10.71 36.16
CA GLN B 49 -0.21 11.85 36.64
C GLN B 49 -0.13 13.01 35.67
N ALA B 50 1.06 13.29 35.14
CA ALA B 50 1.19 14.35 34.14
C ALA B 50 0.37 14.03 32.90
N MET B 51 0.29 12.74 32.53
CA MET B 51 -0.48 12.35 31.35
C MET B 51 -1.96 12.63 31.56
N TYR B 52 -2.52 12.18 32.69
CA TYR B 52 -3.94 12.39 32.94
C TYR B 52 -4.27 13.88 33.01
N ARG B 53 -3.38 14.67 33.62
CA ARG B 53 -3.59 16.11 33.70
C ARG B 53 -3.59 16.72 32.30
N GLU B 54 -2.54 16.46 31.51
CA GLU B 54 -2.47 17.01 30.16
C GLU B 54 -3.62 16.48 29.30
N LEU B 55 -4.03 15.23 29.52
CA LEU B 55 -5.15 14.67 28.77
C LEU B 55 -6.42 15.47 28.98
N PHE B 56 -6.74 15.79 30.24
CA PHE B 56 -7.97 16.51 30.51
C PHE B 56 -7.89 17.96 30.05
N GLU B 57 -6.76 18.63 30.32
CA GLU B 57 -6.71 20.06 30.07
C GLU B 57 -6.63 20.38 28.57
N GLU B 58 -6.00 19.51 27.79
CA GLU B 58 -5.84 19.77 26.36
C GLU B 58 -6.83 19.01 25.48
N VAL B 59 -7.27 17.83 25.89
CA VAL B 59 -8.24 17.06 25.12
C VAL B 59 -9.60 16.97 25.79
N GLY B 60 -9.70 17.28 27.08
CA GLY B 60 -10.98 17.22 27.76
C GLY B 60 -11.44 15.85 28.17
N LEU B 61 -10.55 14.86 28.22
CA LEU B 61 -10.93 13.48 28.52
C LEU B 61 -10.58 13.14 29.95
N SER B 62 -11.50 12.46 30.63
CA SER B 62 -11.35 12.10 32.03
C SER B 62 -10.62 10.76 32.17
N ARG B 63 -10.32 10.38 33.42
CA ARG B 63 -9.76 9.06 33.67
C ARG B 63 -10.67 7.96 33.20
N LYS B 64 -11.99 8.16 33.28
CA LYS B 64 -12.96 7.14 32.88
C LYS B 64 -13.28 7.17 31.40
N ASP B 65 -12.79 8.17 30.66
CA ASP B 65 -13.00 8.22 29.23
C ASP B 65 -12.06 7.31 28.47
N VAL B 66 -10.97 6.86 29.09
CA VAL B 66 -9.92 6.14 28.40
C VAL B 66 -9.45 4.95 29.25
N ARG B 67 -8.71 4.05 28.62
N ARG B 67 -8.65 4.10 28.61
CA ARG B 67 -8.00 3.02 29.35
CA ARG B 67 -8.02 2.92 29.20
C ARG B 67 -6.59 2.89 28.78
C ARG B 67 -6.57 2.92 28.74
N ILE B 68 -5.64 2.67 29.67
CA ILE B 68 -4.23 2.58 29.29
C ILE B 68 -3.96 1.19 28.73
N LEU B 69 -3.50 1.15 27.49
CA LEU B 69 -3.16 -0.11 26.84
C LEU B 69 -1.68 -0.45 26.91
N ALA B 70 -0.82 0.56 26.91
CA ALA B 70 0.63 0.33 26.91
C ALA B 70 1.32 1.65 27.22
N SER B 71 2.62 1.55 27.48
CA SER B 71 3.46 2.73 27.67
C SER B 71 4.90 2.33 27.36
N THR B 72 5.66 3.31 26.85
CA THR B 72 7.06 3.03 26.52
C THR B 72 7.88 2.88 27.78
N ARG B 73 8.78 1.90 27.78
CA ARG B 73 9.46 1.51 29.02
C ARG B 73 10.40 2.61 29.52
N ASN B 74 11.19 3.21 28.64
CA ASN B 74 12.13 4.23 29.09
C ASN B 74 11.93 5.53 28.29
N TRP B 75 12.84 6.47 28.50
CA TRP B 75 12.76 7.79 27.88
C TRP B 75 13.03 7.72 26.38
N LEU B 76 12.27 8.49 25.62
CA LEU B 76 12.58 8.80 24.22
C LEU B 76 12.93 10.28 24.14
N ARG B 77 14.04 10.61 23.47
CA ARG B 77 14.52 11.98 23.42
C ARG B 77 14.60 12.47 21.99
N TYR B 78 14.28 13.75 21.80
CA TYR B 78 14.56 14.46 20.56
C TYR B 78 15.12 15.83 20.92
N LYS B 79 16.04 16.31 20.09
CA LYS B 79 16.64 17.62 20.28
C LYS B 79 15.91 18.64 19.44
N LEU B 80 15.65 19.81 20.04
CA LEU B 80 15.09 20.90 19.26
C LEU B 80 16.09 21.30 18.18
N PRO B 81 15.62 21.62 16.97
CA PRO B 81 16.54 22.19 15.99
C PRO B 81 17.08 23.52 16.47
N LYS B 82 18.41 23.67 16.44
CA LYS B 82 19.09 24.80 17.09
C LYS B 82 18.51 26.15 16.72
N ARG B 83 17.73 26.23 15.64
CA ARG B 83 16.98 27.44 15.34
C ARG B 83 16.02 27.80 16.47
N LEU B 84 15.48 26.81 17.18
CA LEU B 84 14.41 27.04 18.13
C LEU B 84 14.83 27.07 19.58
N VAL B 85 16.11 26.78 19.88
CA VAL B 85 16.55 26.80 21.26
C VAL B 85 16.63 28.24 21.75
N ARG B 86 15.94 28.54 22.84
CA ARG B 86 16.01 29.85 23.47
C ARG B 86 17.23 29.86 24.39
N TRP B 87 18.36 30.37 23.88
CA TRP B 87 19.62 30.26 24.61
C TRP B 87 19.66 31.18 25.83
N ASP B 88 18.91 32.29 25.81
CA ASP B 88 18.92 33.25 26.90
C ASP B 88 18.14 32.78 28.11
N THR B 89 17.35 31.71 27.99
CA THR B 89 16.54 31.19 29.09
C THR B 89 17.32 30.11 29.82
N LYS B 90 17.67 30.36 31.08
CA LYS B 90 18.45 29.38 31.82
C LYS B 90 17.62 28.73 32.92
N PRO B 91 17.78 27.42 33.17
CA PRO B 91 18.68 26.54 32.39
C PRO B 91 18.14 26.26 31.00
N VAL B 92 19.03 26.25 30.01
CA VAL B 92 18.60 26.17 28.62
C VAL B 92 18.06 24.79 28.32
N CYS B 93 16.93 24.73 27.62
CA CYS B 93 16.30 23.49 27.19
C CYS B 93 16.68 23.25 25.73
N ILE B 94 17.47 22.19 25.49
CA ILE B 94 17.91 21.86 24.14
C ILE B 94 17.12 20.71 23.53
N GLY B 95 16.14 20.18 24.25
CA GLY B 95 15.36 19.08 23.73
C GLY B 95 14.37 18.61 24.75
N GLN B 96 13.61 17.58 24.37
CA GLN B 96 12.61 16.98 25.24
C GLN B 96 12.88 15.49 25.40
N LYS B 97 12.54 14.98 26.57
CA LYS B 97 12.71 13.57 26.91
C LYS B 97 11.35 13.05 27.36
N GLN B 98 10.87 12.02 26.69
CA GLN B 98 9.45 11.70 26.66
C GLN B 98 9.19 10.26 27.08
N LYS B 99 8.11 10.04 27.81
CA LYS B 99 7.54 8.71 27.98
C LYS B 99 6.15 8.72 27.38
N TRP B 100 5.84 7.72 26.56
CA TRP B 100 4.65 7.75 25.72
C TRP B 100 3.60 6.77 26.22
N PHE B 101 2.34 7.18 26.13
CA PHE B 101 1.22 6.36 26.55
C PHE B 101 0.30 6.08 25.37
N LEU B 102 -0.17 4.84 25.28
CA LEU B 102 -1.18 4.45 24.31
C LEU B 102 -2.51 4.29 25.05
N LEU B 103 -3.49 5.11 24.69
CA LEU B 103 -4.80 5.07 25.30
C LEU B 103 -5.83 4.59 24.29
N GLN B 104 -6.83 3.88 24.78
CA GLN B 104 -8.02 3.57 24.01
C GLN B 104 -9.15 4.47 24.49
N LEU B 105 -9.76 5.20 23.56
CA LEU B 105 -10.91 6.04 23.91
C LEU B 105 -12.08 5.12 24.24
N VAL B 106 -12.46 5.10 25.51
CA VAL B 106 -13.52 4.21 25.99
C VAL B 106 -14.90 4.84 25.77
N SER B 107 -15.00 6.16 25.85
N SER B 107 -15.00 6.16 25.85
CA SER B 107 -16.27 6.85 25.66
CA SER B 107 -16.27 6.84 25.66
C SER B 107 -16.44 7.25 24.19
C SER B 107 -16.46 7.23 24.19
N GLY B 108 -17.54 7.94 23.90
CA GLY B 108 -17.80 8.38 22.55
C GLY B 108 -16.99 9.60 22.18
N ASP B 109 -16.95 9.87 20.88
CA ASP B 109 -16.23 11.04 20.37
C ASP B 109 -16.73 12.33 21.00
N ALA B 110 -18.00 12.37 21.40
CA ALA B 110 -18.59 13.58 21.97
C ALA B 110 -18.01 13.96 23.32
N GLU B 111 -17.16 13.14 23.91
CA GLU B 111 -16.52 13.49 25.18
C GLU B 111 -15.18 14.19 24.99
N ILE B 112 -14.68 14.31 23.77
CA ILE B 112 -13.50 15.10 23.47
C ILE B 112 -13.92 16.57 23.43
N ASN B 113 -13.15 17.41 24.11
CA ASN B 113 -13.39 18.86 24.06
C ASN B 113 -12.05 19.54 24.23
N MET B 114 -11.61 20.24 23.19
CA MET B 114 -10.29 20.85 23.19
C MET B 114 -10.29 22.26 23.76
N GLN B 115 -11.36 22.66 24.46
CA GLN B 115 -11.48 24.01 24.99
C GLN B 115 -11.72 24.03 26.50
N THR B 116 -11.46 22.92 27.20
CA THR B 116 -11.58 22.93 28.65
C THR B 116 -10.54 23.84 29.31
N SER B 117 -9.57 24.34 28.56
CA SER B 117 -8.49 25.14 29.10
C SER B 117 -8.62 26.60 28.66
N SER B 118 -8.19 27.50 29.54
CA SER B 118 -8.05 28.90 29.14
C SER B 118 -6.98 29.06 28.07
N THR B 119 -5.92 28.25 28.14
CA THR B 119 -4.76 28.36 27.29
C THR B 119 -4.64 27.12 26.40
N PRO B 120 -5.52 26.94 25.41
CA PRO B 120 -5.51 25.71 24.62
C PRO B 120 -4.28 25.65 23.69
N GLU B 121 -3.52 24.56 23.81
CA GLU B 121 -2.46 24.31 22.86
C GLU B 121 -2.96 23.68 21.56
N PHE B 122 -4.22 23.27 21.51
CA PHE B 122 -4.81 22.64 20.33
C PHE B 122 -6.21 23.19 20.08
N ASP B 123 -6.54 23.39 18.81
CA ASP B 123 -7.85 23.93 18.43
C ASP B 123 -8.61 23.00 17.48
N GLY B 124 -8.22 21.74 17.39
CA GLY B 124 -8.88 20.84 16.47
C GLY B 124 -8.24 19.46 16.52
N TRP B 125 -9.01 18.50 16.00
CA TRP B 125 -8.59 17.11 16.04
C TRP B 125 -9.36 16.35 14.98
N ARG B 126 -8.80 15.20 14.60
CA ARG B 126 -9.47 14.27 13.70
C ARG B 126 -8.85 12.90 13.90
N TRP B 127 -9.56 11.87 13.45
CA TRP B 127 -8.99 10.53 13.38
C TRP B 127 -8.20 10.36 12.10
N VAL B 128 -7.03 9.73 12.20
CA VAL B 128 -6.19 9.42 11.06
C VAL B 128 -5.76 7.96 11.16
N SER B 129 -5.35 7.41 10.01
CA SER B 129 -4.85 6.03 10.01
C SER B 129 -3.60 5.93 10.86
N TYR B 130 -3.32 4.70 11.30
CA TYR B 130 -2.33 4.50 12.35
C TYR B 130 -0.96 5.05 11.97
N TRP B 131 -0.53 4.81 10.73
CA TRP B 131 0.84 5.16 10.33
C TRP B 131 0.95 6.56 9.74
N TYR B 132 -0.16 7.22 9.45
CA TYR B 132 -0.14 8.59 8.94
C TYR B 132 0.71 9.55 9.79
N PRO B 133 0.66 9.54 11.12
CA PRO B 133 1.52 10.47 11.90
C PRO B 133 3.01 10.33 11.64
N VAL B 134 3.49 9.16 11.23
CA VAL B 134 4.93 8.98 11.03
C VAL B 134 5.43 9.83 9.87
N ARG B 135 4.60 10.01 8.84
CA ARG B 135 5.00 10.88 7.74
C ARG B 135 4.77 12.35 8.05
N GLN B 136 3.67 12.68 8.74
CA GLN B 136 3.21 14.06 8.81
C GLN B 136 3.80 14.86 9.97
N VAL B 137 4.32 14.18 11.00
CA VAL B 137 4.91 14.90 12.13
C VAL B 137 6.10 15.73 11.64
N VAL B 138 6.35 16.84 12.32
CA VAL B 138 7.50 17.68 12.01
C VAL B 138 8.77 16.84 12.08
N SER B 139 9.77 17.23 11.28
CA SER B 139 10.90 16.33 11.00
C SER B 139 11.66 15.96 12.28
N PHE B 140 11.87 16.91 13.19
CA PHE B 140 12.73 16.59 14.33
C PHE B 140 12.05 15.68 15.36
N LYS B 141 10.76 15.40 15.21
CA LYS B 141 10.08 14.42 16.05
C LYS B 141 9.91 13.08 15.37
N ARG B 142 10.35 12.93 14.12
CA ARG B 142 9.97 11.76 13.33
C ARG B 142 10.60 10.48 13.87
N ASP B 143 11.85 10.55 14.33
CA ASP B 143 12.50 9.34 14.86
C ASP B 143 11.80 8.86 16.12
N VAL B 144 11.41 9.78 17.00
CA VAL B 144 10.65 9.39 18.18
C VAL B 144 9.32 8.77 17.76
N TYR B 145 8.61 9.41 16.84
CA TYR B 145 7.29 8.92 16.43
C TYR B 145 7.37 7.55 15.80
N ARG B 146 8.37 7.32 14.94
CA ARG B 146 8.53 6.01 14.33
C ARG B 146 8.76 4.93 15.38
N ARG B 147 9.63 5.21 16.35
CA ARG B 147 9.88 4.24 17.42
C ARG B 147 8.62 4.00 18.24
N VAL B 148 7.88 5.06 18.54
CA VAL B 148 6.67 4.91 19.35
C VAL B 148 5.62 4.10 18.63
N MET B 149 5.30 4.49 17.39
CA MET B 149 4.27 3.77 16.64
C MET B 149 4.68 2.34 16.35
N LYS B 150 5.99 2.08 16.21
CA LYS B 150 6.44 0.71 16.04
C LYS B 150 6.23 -0.10 17.31
N GLU B 151 6.55 0.48 18.47
CA GLU B 151 6.37 -0.23 19.73
C GLU B 151 4.89 -0.50 20.01
N PHE B 152 4.02 0.44 19.66
CA PHE B 152 2.59 0.31 19.97
C PHE B 152 1.81 -0.47 18.92
N ALA B 153 2.41 -0.79 17.77
CA ALA B 153 1.64 -1.36 16.67
C ALA B 153 1.00 -2.70 17.06
N SER B 154 1.74 -3.56 17.76
CA SER B 154 1.21 -4.89 18.07
C SER B 154 -0.03 -4.81 18.95
N VAL B 155 -0.06 -3.84 19.86
CA VAL B 155 -1.22 -3.69 20.74
C VAL B 155 -2.44 -3.24 19.94
N VAL B 156 -2.28 -2.24 19.09
CA VAL B 156 -3.42 -1.73 18.32
C VAL B 156 -3.88 -2.76 17.29
N MET B 157 -2.93 -3.45 16.64
CA MET B 157 -3.31 -4.42 15.62
C MET B 157 -4.07 -5.61 16.21
N SER B 158 -3.79 -5.97 17.47
CA SER B 158 -4.47 -7.11 18.07
C SER B 158 -5.83 -6.77 18.66
N LEU B 159 -6.34 -5.56 18.43
CA LEU B 159 -7.74 -5.26 18.70
C LEU B 159 -8.56 -5.53 17.43
N ALA B 160 -9.79 -5.02 17.37
CA ALA B 160 -10.64 -5.26 16.23
C ALA B 160 -10.24 -4.41 15.01
#